data_4DNY
#
_entry.id   4DNY
#
_cell.length_a   56.000
_cell.length_b   56.000
_cell.length_c   96.880
_cell.angle_alpha   90.00
_cell.angle_beta   90.00
_cell.angle_gamma   120.00
#
_symmetry.space_group_name_H-M   'H 3'
#
loop_
_entity.id
_entity.type
_entity.pdbx_description
1 polymer 'Metalloprotease stcE'
2 non-polymer 'IODIDE ION'
3 water water
#
_entity_poly.entity_id   1
_entity_poly.type   'polypeptide(L)'
_entity_poly.pdbx_seq_one_letter_code
;GSHMASHLDGVPEGGIDFTPHNGTKKIINTVAEVNKLSDASGSSIHSHLTNNALVEIHTANGRWVRDIYLPQGPDLEGKM
VRFVSSAGYSSTVFYGDRKVTLSVGNTLLFKYVNGQWFRSGELENN
;
_entity_poly.pdbx_strand_id   A
#
# COMPACT_ATOMS: atom_id res chain seq x y z
N GLY A 15 -10.60 -16.80 3.03
CA GLY A 15 -10.22 -17.49 1.73
C GLY A 15 -9.95 -16.50 0.60
N ILE A 16 -9.29 -15.39 0.94
CA ILE A 16 -8.96 -14.33 -0.06
C ILE A 16 -7.79 -14.89 -0.92
N ASP A 17 -7.84 -14.67 -2.24
CA ASP A 17 -6.78 -15.07 -3.17
C ASP A 17 -5.91 -13.84 -3.44
N PHE A 18 -4.80 -13.75 -2.72
CA PHE A 18 -3.85 -12.66 -2.89
C PHE A 18 -2.95 -12.89 -4.08
N THR A 19 -3.53 -12.88 -5.25
CA THR A 19 -2.77 -12.95 -6.53
C THR A 19 -3.26 -11.82 -7.42
N PRO A 20 -2.33 -11.06 -8.00
CA PRO A 20 -2.78 -9.95 -8.85
C PRO A 20 -3.43 -10.41 -10.11
N HIS A 21 -4.35 -9.59 -10.62
CA HIS A 21 -5.14 -9.92 -11.81
C HIS A 21 -4.21 -10.23 -12.98
N ASN A 22 -3.11 -9.52 -13.08
CA ASN A 22 -2.11 -9.72 -14.14
C ASN A 22 -0.76 -9.19 -13.69
N GLY A 23 0.23 -9.19 -14.60
CA GLY A 23 1.57 -8.71 -14.30
C GLY A 23 1.86 -7.24 -14.41
N THR A 24 0.84 -6.42 -14.54
CA THR A 24 1.07 -4.96 -14.54
C THR A 24 1.34 -4.51 -13.11
N LYS A 25 2.58 -4.11 -12.84
CA LYS A 25 3.00 -3.82 -11.49
C LYS A 25 3.70 -2.50 -11.48
N LYS A 26 3.27 -1.59 -10.63
CA LYS A 26 3.94 -0.30 -10.40
C LYS A 26 4.74 -0.34 -9.16
N ILE A 27 6.03 -0.02 -9.27
CA ILE A 27 6.87 0.09 -8.07
C ILE A 27 7.05 1.55 -7.71
N ILE A 28 6.87 1.89 -6.43
CA ILE A 28 7.10 3.22 -5.92
C ILE A 28 8.27 3.12 -5.07
N ASN A 29 9.41 3.66 -5.48
CA ASN A 29 10.69 3.50 -4.77
C ASN A 29 11.61 4.69 -4.91
N THR A 30 11.01 5.86 -5.11
CA THR A 30 11.82 7.10 -5.16
C THR A 30 11.25 8.09 -4.18
N VAL A 31 12.06 9.10 -3.82
CA VAL A 31 11.65 10.07 -2.77
C VAL A 31 10.40 10.82 -3.15
N ALA A 32 10.36 11.35 -4.38
CA ALA A 32 9.23 12.20 -4.84
C ALA A 32 7.94 11.40 -4.79
N GLU A 33 7.98 10.12 -5.18
CA GLU A 33 6.74 9.31 -5.17
C GLU A 33 6.33 8.89 -3.77
N VAL A 34 7.29 8.56 -2.94
CA VAL A 34 6.98 8.21 -1.56
C VAL A 34 6.36 9.39 -0.82
N ASN A 35 6.86 10.58 -1.13
CA ASN A 35 6.35 11.79 -0.49
C ASN A 35 4.84 12.01 -0.73
N LYS A 36 4.31 11.52 -1.83
CA LYS A 36 2.88 11.66 -2.16
C LYS A 36 1.97 10.77 -1.32
N LEU A 37 2.53 9.80 -0.61
CA LEU A 37 1.73 8.76 0.03
C LEU A 37 1.00 9.20 1.28
N SER A 38 1.38 10.35 1.81
CA SER A 38 0.73 10.91 2.99
C SER A 38 -0.65 11.52 2.66
N ASP A 39 -0.98 11.60 1.37
CA ASP A 39 -2.31 12.09 0.93
C ASP A 39 -3.43 11.29 1.58
N ALA A 40 -4.38 11.97 2.25
CA ALA A 40 -5.41 11.28 3.00
C ALA A 40 -6.30 10.42 2.12
N SER A 41 -6.39 10.78 0.88
CA SER A 41 -7.22 10.05 -0.08
C SER A 41 -6.48 8.96 -0.81
N GLY A 42 -5.18 8.85 -0.55
CA GLY A 42 -4.37 7.87 -1.28
C GLY A 42 -4.39 8.12 -2.77
N SER A 43 -4.43 9.38 -3.18
CA SER A 43 -4.66 9.70 -4.59
C SER A 43 -3.63 9.11 -5.55
N SER A 44 -2.33 9.10 -5.19
CA SER A 44 -1.32 8.62 -6.13
C SER A 44 -1.39 7.14 -6.29
N ILE A 45 -1.66 6.41 -5.20
CA ILE A 45 -1.84 4.95 -5.28
C ILE A 45 -3.04 4.68 -6.17
N HIS A 46 -4.13 5.45 -5.96
CA HIS A 46 -5.34 5.30 -6.75
C HIS A 46 -5.04 5.46 -8.27
N SER A 47 -4.31 6.52 -8.59
CA SER A 47 -3.96 6.83 -10.00
C SER A 47 -3.13 5.68 -10.62
N HIS A 48 -2.15 5.19 -9.87
CA HIS A 48 -1.32 4.08 -10.37
C HIS A 48 -2.05 2.76 -10.52
N LEU A 49 -3.11 2.56 -9.74
CA LEU A 49 -3.92 1.38 -9.85
C LEU A 49 -4.91 1.38 -11.02
N THR A 50 -5.08 2.54 -11.64
CA THR A 50 -5.96 2.58 -12.81
C THR A 50 -5.36 1.79 -13.97
N ASN A 51 -4.04 1.75 -14.07
CA ASN A 51 -3.35 1.01 -15.16
C ASN A 51 -2.49 -0.17 -14.70
N ASN A 52 -2.55 -0.50 -13.41
CA ASN A 52 -1.80 -1.60 -12.83
C ASN A 52 -2.64 -2.44 -11.89
N ALA A 53 -2.37 -3.74 -11.89
CA ALA A 53 -3.02 -4.70 -10.98
C ALA A 53 -2.49 -4.61 -9.57
N LEU A 54 -1.23 -4.20 -9.44
CA LEU A 54 -0.55 -4.11 -8.16
C LEU A 54 0.37 -2.92 -8.08
N VAL A 55 0.34 -2.23 -6.93
CA VAL A 55 1.34 -1.19 -6.62
C VAL A 55 2.19 -1.74 -5.49
N GLU A 56 3.51 -1.65 -5.61
CA GLU A 56 4.44 -2.15 -4.59
C GLU A 56 5.29 -0.95 -4.14
N ILE A 57 5.18 -0.62 -2.87
CA ILE A 57 5.84 0.54 -2.28
C ILE A 57 7.01 0.12 -1.48
N HIS A 58 8.16 0.72 -1.78
CA HIS A 58 9.41 0.43 -1.03
C HIS A 58 9.83 1.68 -0.28
N THR A 59 9.63 1.70 1.06
CA THR A 59 10.19 2.76 1.88
C THR A 59 11.62 2.37 2.28
N ALA A 60 12.46 3.35 2.52
CA ALA A 60 13.86 3.10 2.87
C ALA A 60 14.36 4.25 3.68
N ASN A 61 15.57 4.10 4.26
CA ASN A 61 16.20 5.23 4.90
C ASN A 61 16.38 6.38 3.86
N GLY A 62 15.92 7.56 4.27
CA GLY A 62 15.95 8.71 3.39
C GLY A 62 14.78 8.78 2.43
N ARG A 63 13.88 7.83 2.53
CA ARG A 63 12.78 7.68 1.57
C ARG A 63 11.57 7.11 2.27
N TRP A 64 10.98 7.94 3.12
CA TRP A 64 10.00 7.53 4.13
C TRP A 64 8.98 8.60 4.39
N VAL A 65 7.75 8.20 4.69
CA VAL A 65 6.81 9.10 5.31
C VAL A 65 6.13 8.37 6.45
N ARG A 66 5.63 9.13 7.41
CA ARG A 66 4.99 8.55 8.60
C ARG A 66 3.68 7.85 8.34
N ASP A 67 2.79 8.48 7.59
CA ASP A 67 1.44 7.98 7.43
C ASP A 67 1.20 7.73 5.99
N ILE A 68 0.63 6.56 5.69
CA ILE A 68 0.28 6.18 4.36
C ILE A 68 -1.16 5.72 4.30
N TYR A 69 -1.92 6.29 3.36
CA TYR A 69 -3.35 6.01 3.29
C TYR A 69 -3.70 5.21 2.04
N LEU A 70 -4.40 4.09 2.21
CA LEU A 70 -4.88 3.39 1.04
C LEU A 70 -6.18 4.07 0.53
N PRO A 71 -6.32 4.22 -0.79
CA PRO A 71 -7.52 4.87 -1.34
C PRO A 71 -8.78 4.02 -1.23
N GLN A 72 -9.95 4.66 -1.41
CA GLN A 72 -11.21 3.96 -1.50
C GLN A 72 -11.85 4.33 -2.83
N GLY A 73 -12.64 3.41 -3.38
CA GLY A 73 -13.42 3.70 -4.58
C GLY A 73 -13.70 2.46 -5.37
N PRO A 74 -14.72 2.56 -6.21
CA PRO A 74 -15.18 1.43 -6.97
C PRO A 74 -14.13 0.80 -7.90
N ASP A 75 -13.32 1.64 -8.56
CA ASP A 75 -12.39 1.16 -9.54
C ASP A 75 -11.21 0.39 -8.97
N LEU A 76 -11.17 0.25 -7.64
CA LEU A 76 -10.09 -0.50 -6.95
C LEU A 76 -10.39 -2.00 -6.81
N GLU A 77 -11.54 -2.43 -7.28
CA GLU A 77 -11.95 -3.81 -7.17
C GLU A 77 -10.89 -4.79 -7.67
N GLY A 78 -10.48 -5.69 -6.79
CA GLY A 78 -9.48 -6.71 -7.06
C GLY A 78 -8.03 -6.23 -7.10
N LYS A 79 -7.83 -4.95 -6.90
CA LYS A 79 -6.50 -4.37 -6.93
C LYS A 79 -5.73 -4.73 -5.65
N MET A 80 -4.38 -4.66 -5.75
CA MET A 80 -3.50 -5.05 -4.63
C MET A 80 -2.44 -4.00 -4.37
N VAL A 81 -2.01 -3.93 -3.12
CA VAL A 81 -0.90 -3.06 -2.71
C VAL A 81 0.03 -3.85 -1.81
N ARG A 82 1.32 -3.85 -2.14
CA ARG A 82 2.35 -4.47 -1.33
C ARG A 82 3.26 -3.40 -0.77
N PHE A 83 3.66 -3.54 0.50
CA PHE A 83 4.67 -2.65 1.15
C PHE A 83 5.87 -3.47 1.51
N VAL A 84 7.06 -2.93 1.24
CA VAL A 84 8.31 -3.46 1.74
C VAL A 84 9.13 -2.38 2.36
N SER A 85 9.33 -2.45 3.68
CA SER A 85 10.06 -1.40 4.40
C SER A 85 11.53 -1.79 4.63
N SER A 86 12.41 -0.91 4.21
CA SER A 86 13.82 -0.98 4.65
CA SER A 86 13.84 -0.92 4.54
C SER A 86 14.16 0.31 5.40
N ALA A 87 13.13 0.99 5.92
CA ALA A 87 13.29 2.26 6.65
C ALA A 87 13.32 1.98 8.16
N GLY A 88 14.31 2.50 8.84
CA GLY A 88 14.39 2.39 10.31
C GLY A 88 13.17 2.95 11.00
N TYR A 89 12.69 4.11 10.55
CA TYR A 89 11.45 4.65 11.09
C TYR A 89 10.24 3.85 10.69
N SER A 90 9.31 3.68 11.61
CA SER A 90 8.08 2.99 11.32
CA SER A 90 8.09 2.98 11.31
C SER A 90 7.10 3.92 10.61
N SER A 91 6.14 3.34 9.93
CA SER A 91 5.06 4.03 9.25
C SER A 91 3.74 3.39 9.72
N THR A 92 2.66 4.13 9.57
CA THR A 92 1.33 3.60 9.82
C THR A 92 0.64 3.54 8.47
N VAL A 93 0.07 2.37 8.12
CA VAL A 93 -0.76 2.23 6.92
C VAL A 93 -2.21 2.19 7.34
N PHE A 94 -2.98 3.13 6.83
CA PHE A 94 -4.40 3.25 7.11
C PHE A 94 -5.19 2.63 5.97
N TYR A 95 -6.14 1.76 6.33
CA TYR A 95 -6.92 1.06 5.34
C TYR A 95 -8.35 0.89 5.87
N GLY A 96 -9.30 1.60 5.26
CA GLY A 96 -10.65 1.66 5.83
C GLY A 96 -10.65 2.19 7.25
N ASP A 97 -11.28 1.45 8.16
CA ASP A 97 -11.36 1.80 9.58
CA ASP A 97 -11.34 1.85 9.57
C ASP A 97 -10.19 1.22 10.37
N ARG A 98 -9.27 0.53 9.67
CA ARG A 98 -8.13 -0.15 10.31
C ARG A 98 -6.82 0.54 10.04
N LYS A 99 -5.82 0.19 10.82
CA LYS A 99 -4.46 0.64 10.60
C LYS A 99 -3.50 -0.47 11.08
N VAL A 100 -2.29 -0.44 10.52
CA VAL A 100 -1.26 -1.41 10.87
C VAL A 100 0.08 -0.70 10.80
N THR A 101 0.97 -1.07 11.69
CA THR A 101 2.34 -0.54 11.68
C THR A 101 3.25 -1.28 10.65
N LEU A 102 3.93 -0.49 9.83
CA LEU A 102 4.91 -1.01 8.91
C LEU A 102 6.27 -0.69 9.48
N SER A 103 6.95 -1.69 9.99
CA SER A 103 8.23 -1.48 10.65
CA SER A 103 8.23 -1.53 10.67
C SER A 103 9.36 -2.02 9.77
N VAL A 104 10.57 -1.65 10.13
CA VAL A 104 11.75 -2.04 9.33
C VAL A 104 11.84 -3.57 9.15
N GLY A 105 12.08 -4.02 7.94
CA GLY A 105 12.22 -5.43 7.68
C GLY A 105 10.93 -6.17 7.47
N ASN A 106 9.83 -5.47 7.25
CA ASN A 106 8.54 -6.10 7.10
C ASN A 106 7.92 -5.88 5.71
N THR A 107 7.12 -6.85 5.31
CA THR A 107 6.35 -6.79 4.07
C THR A 107 4.88 -6.87 4.49
N LEU A 108 4.03 -6.07 3.86
CA LEU A 108 2.59 -6.10 4.07
C LEU A 108 1.90 -6.26 2.71
N LEU A 109 0.72 -6.88 2.68
CA LEU A 109 0.03 -7.08 1.42
C LEU A 109 -1.50 -6.90 1.60
N PHE A 110 -2.13 -6.17 0.69
CA PHE A 110 -3.53 -5.80 0.74
C PHE A 110 -4.20 -6.09 -0.60
N LYS A 111 -5.49 -6.46 -0.54
CA LYS A 111 -6.35 -6.62 -1.70
C LYS A 111 -7.75 -6.06 -1.41
N TYR A 112 -8.33 -5.36 -2.39
CA TYR A 112 -9.61 -4.70 -2.25
C TYR A 112 -10.69 -5.62 -2.85
N VAL A 113 -11.64 -6.03 -2.02
CA VAL A 113 -12.70 -6.94 -2.46
C VAL A 113 -14.04 -6.34 -2.04
N ASN A 114 -14.89 -6.13 -3.03
CA ASN A 114 -16.25 -5.62 -2.82
C ASN A 114 -16.28 -4.42 -1.89
N GLY A 115 -15.35 -3.48 -2.14
CA GLY A 115 -15.39 -2.18 -1.46
C GLY A 115 -14.61 -2.08 -0.17
N GLN A 116 -13.81 -3.10 0.17
CA GLN A 116 -13.03 -3.12 1.41
C GLN A 116 -11.61 -3.70 1.17
N TRP A 117 -10.60 -3.08 1.80
CA TRP A 117 -9.29 -3.62 1.82
C TRP A 117 -9.17 -4.78 2.81
N PHE A 118 -8.55 -5.88 2.39
CA PHE A 118 -8.19 -7.00 3.23
C PHE A 118 -6.67 -7.08 3.31
N ARG A 119 -6.14 -7.19 4.51
CA ARG A 119 -4.72 -7.38 4.75
C ARG A 119 -4.41 -8.86 4.93
N SER A 120 -3.43 -9.34 4.17
CA SER A 120 -2.95 -10.71 4.29
C SER A 120 -2.44 -10.98 5.68
N GLY A 121 -3.02 -12.00 6.30
CA GLY A 121 -2.62 -12.37 7.66
C GLY A 121 -3.44 -11.74 8.77
N GLU A 122 -4.42 -10.93 8.40
CA GLU A 122 -5.29 -10.26 9.38
C GLU A 122 -6.03 -11.23 10.32
N LEU A 123 -6.62 -12.29 9.79
CA LEU A 123 -7.29 -13.31 10.63
C LEU A 123 -6.25 -14.08 11.49
#